data_7RN7
#
_entry.id   7RN7
#
_cell.length_a   50.509
_cell.length_b   68.041
_cell.length_c   82.493
_cell.angle_alpha   90.000
_cell.angle_beta   90.608
_cell.angle_gamma   90.000
#
_symmetry.space_group_name_H-M   'P 1 21 1'
#
loop_
_entity.id
_entity.type
_entity.pdbx_description
1 polymer 'Caspase-3 subunit p17'
2 polymer 'Caspase-3 subunit p12'
3 polymer Ac-VD(Aly)VD-CHO
4 water water
#
loop_
_entity_poly.entity_id
_entity_poly.type
_entity_poly.pdbx_seq_one_letter_code
_entity_poly.pdbx_strand_id
1 'polypeptide(L)'
;DNSYKMDYPEMGLCIIINNKNFHKSTGMTSRSGTDVDAANLRETFRNLKYEVRNKNDLTREEIVELMRDVSKEDHSKRSS
FVCVLLSHGEEGIIFGTNGPVDLKKITNFFRGDRCRSLTGKPKLFIIQACRGTELDCGIET
;
A,C
2 'polypeptide(L)'
;CHKIPVEADFLYAYSTAPGYYSWRNSKDGSWFIQSLCAMLKQYADKLEFMHILTRVNRKVATEFESFSFDATFHAKKQIP
CIVSMLTKELYFYHH
;
B,D
3 'polypeptide(L)' (ACE)VD(ALY)VD F,G
#
# COMPACT_ATOMS: atom_id res chain seq x y z
N ASP A 1 4.35 -14.89 -17.65
CA ASP A 1 3.16 -14.43 -16.94
C ASP A 1 3.54 -13.68 -15.67
N ASN A 2 4.84 -13.61 -15.37
CA ASN A 2 5.31 -13.16 -14.06
C ASN A 2 5.91 -11.76 -14.05
N SER A 3 6.26 -11.19 -15.20
CA SER A 3 6.82 -9.85 -15.32
C SER A 3 6.01 -9.07 -16.32
N TYR A 4 5.68 -7.82 -15.99
CA TYR A 4 5.10 -6.95 -16.99
C TYR A 4 6.00 -6.88 -18.22
N LYS A 5 5.36 -6.79 -19.39
CA LYS A 5 6.05 -6.66 -20.65
C LYS A 5 6.52 -5.22 -20.82
N MET A 6 7.84 -5.01 -20.87
CA MET A 6 8.41 -3.68 -20.99
C MET A 6 9.21 -3.51 -22.28
N ASP A 7 8.96 -4.33 -23.29
CA ASP A 7 9.64 -4.20 -24.56
C ASP A 7 8.71 -3.70 -25.66
N TYR A 8 7.67 -2.94 -25.29
CA TYR A 8 6.94 -2.15 -26.24
C TYR A 8 7.86 -1.10 -26.88
N PRO A 9 7.48 -0.54 -28.02
CA PRO A 9 8.33 0.49 -28.64
C PRO A 9 8.64 1.68 -27.73
N GLU A 10 7.79 1.96 -26.75
CA GLU A 10 7.98 3.07 -25.84
C GLU A 10 7.73 2.64 -24.41
N MET A 11 8.52 3.19 -23.48
CA MET A 11 8.25 2.91 -22.07
C MET A 11 6.93 3.53 -21.65
N GLY A 12 6.68 4.76 -22.09
CA GLY A 12 5.44 5.45 -21.82
C GLY A 12 5.69 6.89 -21.44
N LEU A 13 4.62 7.55 -21.01
CA LEU A 13 4.68 8.91 -20.52
C LEU A 13 5.15 8.94 -19.07
N CYS A 14 5.80 10.03 -18.70
CA CYS A 14 6.06 10.34 -17.31
C CYS A 14 5.58 11.78 -17.17
N ILE A 15 4.40 11.95 -16.60
CA ILE A 15 3.84 13.27 -16.37
C ILE A 15 4.23 13.73 -14.98
N ILE A 16 4.85 14.90 -14.90
CA ILE A 16 5.30 15.51 -13.65
C ILE A 16 4.49 16.78 -13.44
N ILE A 17 3.72 16.83 -12.36
CA ILE A 17 2.93 18.00 -12.00
C ILE A 17 3.62 18.62 -10.80
N ASN A 18 4.25 19.76 -11.01
CA ASN A 18 5.08 20.42 -10.00
C ASN A 18 4.38 21.69 -9.56
N ASN A 19 3.68 21.64 -8.44
CA ASN A 19 3.02 22.82 -7.91
C ASN A 19 3.91 23.44 -6.82
N LYS A 20 4.30 24.67 -7.06
CA LYS A 20 5.18 25.43 -6.20
C LYS A 20 4.47 26.61 -5.54
N ASN A 21 3.68 27.35 -6.30
CA ASN A 21 3.12 28.63 -5.90
C ASN A 21 1.61 28.49 -5.85
N PHE A 22 1.04 28.73 -4.68
CA PHE A 22 -0.38 28.57 -4.46
C PHE A 22 -1.02 29.94 -4.29
N HIS A 23 -2.25 30.08 -4.78
CA HIS A 23 -2.99 31.30 -4.54
C HIS A 23 -2.95 31.66 -3.06
N LYS A 24 -2.59 32.92 -2.79
CA LYS A 24 -2.52 33.39 -1.40
C LYS A 24 -3.85 33.18 -0.67
N SER A 25 -4.98 33.22 -1.39
CA SER A 25 -6.29 32.98 -0.77
C SER A 25 -6.49 31.54 -0.29
N THR A 26 -5.55 30.64 -0.55
CA THR A 26 -5.60 29.29 0.01
C THR A 26 -4.87 29.17 1.34
N GLY A 27 -4.05 30.16 1.69
CA GLY A 27 -3.24 30.10 2.89
C GLY A 27 -2.06 29.14 2.84
N MET A 28 -1.81 28.51 1.69
CA MET A 28 -0.78 27.50 1.60
C MET A 28 0.54 28.13 1.18
N THR A 29 1.64 27.61 1.69
CA THR A 29 2.91 28.28 1.49
C THR A 29 3.61 27.79 0.23
N SER A 30 4.62 28.53 -0.18
CA SER A 30 5.35 28.18 -1.38
C SER A 30 6.25 26.97 -1.08
N ARG A 31 6.39 26.08 -2.07
CA ARG A 31 7.04 24.79 -1.78
C ARG A 31 8.49 24.83 -2.26
N SER A 32 9.30 25.55 -1.48
CA SER A 32 10.71 25.78 -1.78
C SER A 32 11.48 24.46 -1.93
N GLY A 33 12.22 24.33 -3.02
CA GLY A 33 12.97 23.12 -3.31
C GLY A 33 12.26 22.15 -4.22
N THR A 34 10.97 22.36 -4.50
CA THR A 34 10.25 21.43 -5.36
C THR A 34 10.81 21.44 -6.79
N ASP A 35 11.35 22.56 -7.25
CA ASP A 35 11.96 22.62 -8.59
C ASP A 35 13.19 21.73 -8.68
N VAL A 36 13.91 21.57 -7.57
CA VAL A 36 15.00 20.61 -7.55
C VAL A 36 14.45 19.18 -7.66
N ASP A 37 13.28 18.92 -7.06
CA ASP A 37 12.66 17.60 -7.25
C ASP A 37 12.24 17.40 -8.70
N ALA A 38 11.52 18.38 -9.27
CA ALA A 38 10.95 18.16 -10.61
C ALA A 38 12.07 17.97 -11.64
N ALA A 39 13.21 18.61 -11.44
CA ALA A 39 14.35 18.44 -12.33
C ALA A 39 15.04 17.11 -12.11
N ASN A 40 15.21 16.70 -10.85
CA ASN A 40 15.78 15.40 -10.57
C ASN A 40 14.95 14.30 -11.23
N LEU A 41 13.63 14.39 -11.08
CA LEU A 41 12.73 13.40 -11.69
C LEU A 41 12.83 13.39 -13.20
N ARG A 42 12.95 14.57 -13.82
CA ARG A 42 13.01 14.61 -15.28
C ARG A 42 14.24 13.87 -15.80
N GLU A 43 15.40 14.15 -15.22
CA GLU A 43 16.60 13.43 -15.64
C GLU A 43 16.49 11.94 -15.35
N THR A 44 15.93 11.56 -14.19
CA THR A 44 15.83 10.16 -13.83
C THR A 44 15.03 9.38 -14.86
N PHE A 45 13.86 9.88 -15.22
CA PHE A 45 13.00 9.09 -16.07
C PHE A 45 13.41 9.18 -17.53
N ARG A 46 14.08 10.27 -17.92
CA ARG A 46 14.71 10.32 -19.24
C ARG A 46 15.74 9.22 -19.42
N ASN A 47 16.51 8.91 -18.38
CA ASN A 47 17.43 7.78 -18.44
C ASN A 47 16.70 6.45 -18.49
N LEU A 48 15.50 6.35 -17.90
CA LEU A 48 14.71 5.13 -18.02
C LEU A 48 13.97 5.03 -19.34
N LYS A 49 14.05 6.07 -20.19
CA LYS A 49 13.48 6.16 -21.54
C LYS A 49 12.00 6.50 -21.58
N TYR A 50 11.49 7.24 -20.60
CA TYR A 50 10.13 7.73 -20.63
C TYR A 50 10.06 9.07 -21.35
N GLU A 51 8.97 9.31 -22.06
CA GLU A 51 8.67 10.64 -22.58
C GLU A 51 8.13 11.48 -21.42
N VAL A 52 8.94 12.42 -20.95
CA VAL A 52 8.62 13.18 -19.75
C VAL A 52 7.96 14.49 -20.13
N ARG A 53 6.87 14.85 -19.46
CA ARG A 53 6.24 16.15 -19.64
C ARG A 53 6.11 16.81 -18.27
N ASN A 54 6.86 17.90 -18.07
CA ASN A 54 6.79 18.69 -16.85
C ASN A 54 5.69 19.75 -17.01
N LYS A 55 4.84 19.88 -15.99
CA LYS A 55 3.79 20.89 -15.97
C LYS A 55 3.88 21.60 -14.62
N ASN A 56 3.76 22.93 -14.64
CA ASN A 56 4.01 23.75 -13.46
C ASN A 56 2.78 24.57 -13.07
N ASP A 57 2.54 24.64 -11.77
CA ASP A 57 1.59 25.58 -11.16
C ASP A 57 0.19 25.45 -11.79
N LEU A 58 -0.34 24.23 -11.74
CA LEU A 58 -1.66 23.90 -12.30
C LEU A 58 -2.76 24.04 -11.24
N THR A 59 -3.87 24.69 -11.60
CA THR A 59 -5.09 24.67 -10.77
C THR A 59 -5.70 23.26 -10.72
N ARG A 60 -6.63 23.05 -9.77
CA ARG A 60 -7.35 21.78 -9.70
C ARG A 60 -8.05 21.45 -11.03
N GLU A 61 -8.60 22.46 -11.70
CA GLU A 61 -9.25 22.23 -12.98
C GLU A 61 -8.23 21.76 -14.03
N GLU A 62 -7.06 22.41 -14.08
CA GLU A 62 -6.04 22.05 -15.06
C GLU A 62 -5.46 20.66 -14.80
N ILE A 63 -5.39 20.26 -13.53
CA ILE A 63 -4.91 18.92 -13.20
C ILE A 63 -5.92 17.88 -13.69
N VAL A 64 -7.22 18.15 -13.52
CA VAL A 64 -8.23 17.21 -13.96
C VAL A 64 -8.34 17.17 -15.47
N GLU A 65 -8.27 18.33 -16.13
CA GLU A 65 -8.34 18.34 -17.59
C GLU A 65 -7.11 17.68 -18.20
N LEU A 66 -5.93 17.96 -17.64
CA LEU A 66 -4.70 17.30 -18.09
C LEU A 66 -4.82 15.79 -17.99
N MET A 67 -5.12 15.29 -16.78
CA MET A 67 -5.20 13.85 -16.58
C MET A 67 -6.24 13.23 -17.50
N ARG A 68 -7.39 13.87 -17.64
CA ARG A 68 -8.39 13.35 -18.57
C ARG A 68 -7.82 13.26 -19.98
N ASP A 69 -7.15 14.33 -20.44
CA ASP A 69 -6.62 14.31 -21.81
C ASP A 69 -5.61 13.19 -21.99
N VAL A 70 -4.69 13.03 -21.03
CA VAL A 70 -3.64 12.02 -21.18
C VAL A 70 -4.26 10.63 -21.21
N SER A 71 -5.29 10.41 -20.39
CA SER A 71 -5.91 9.08 -20.32
C SER A 71 -6.67 8.74 -21.60
N LYS A 72 -7.07 9.74 -22.39
CA LYS A 72 -7.66 9.50 -23.69
C LYS A 72 -6.64 9.45 -24.83
N GLU A 73 -5.35 9.63 -24.55
CA GLU A 73 -4.31 9.38 -25.54
C GLU A 73 -4.27 7.87 -25.87
N ASP A 74 -3.59 7.53 -26.96
CA ASP A 74 -3.42 6.14 -27.39
C ASP A 74 -2.11 5.65 -26.81
N HIS A 75 -2.18 4.84 -25.75
CA HIS A 75 -1.00 4.28 -25.13
C HIS A 75 -0.64 2.90 -25.66
N SER A 76 -1.22 2.50 -26.82
CA SER A 76 -1.13 1.11 -27.27
C SER A 76 0.31 0.68 -27.48
N LYS A 77 1.17 1.58 -27.94
CA LYS A 77 2.58 1.26 -28.13
C LYS A 77 3.44 1.63 -26.93
N ARG A 78 2.84 1.87 -25.76
CA ARG A 78 3.59 2.18 -24.57
C ARG A 78 3.52 1.02 -23.57
N SER A 79 4.60 0.83 -22.82
CA SER A 79 4.66 -0.26 -21.85
C SER A 79 3.96 0.08 -20.54
N SER A 80 3.93 1.35 -20.17
CA SER A 80 3.59 1.72 -18.82
C SER A 80 3.19 3.19 -18.81
N PHE A 81 2.86 3.68 -17.63
CA PHE A 81 2.48 5.07 -17.43
C PHE A 81 2.92 5.51 -16.05
N VAL A 82 3.63 6.64 -15.98
CA VAL A 82 4.08 7.20 -14.72
C VAL A 82 3.52 8.61 -14.57
N CYS A 83 3.05 8.93 -13.36
CA CYS A 83 2.52 10.24 -13.01
C CYS A 83 3.07 10.63 -11.65
N VAL A 84 3.80 11.75 -11.61
CA VAL A 84 4.44 12.28 -10.39
C VAL A 84 3.70 13.54 -9.97
N LEU A 85 3.22 13.56 -8.73
CA LEU A 85 2.45 14.68 -8.19
C LEU A 85 3.23 15.29 -7.03
N LEU A 86 3.71 16.53 -7.22
CA LEU A 86 4.50 17.25 -6.21
C LEU A 86 3.65 18.44 -5.75
N SER A 87 3.18 18.41 -4.51
CA SER A 87 2.24 19.46 -4.07
C SER A 87 1.91 19.32 -2.59
N HIS A 88 1.11 20.25 -2.07
CA HIS A 88 0.53 20.06 -0.76
C HIS A 88 -0.54 18.98 -0.84
N GLY A 89 -0.83 18.37 0.30
CA GLY A 89 -1.87 17.36 0.30
C GLY A 89 -2.41 17.19 1.70
N GLU A 90 -3.54 16.49 1.75
CA GLU A 90 -4.12 15.91 2.95
C GLU A 90 -4.45 14.48 2.57
N GLU A 91 -4.88 13.66 3.54
CA GLU A 91 -5.16 12.25 3.25
C GLU A 91 -6.13 12.11 2.10
N GLY A 92 -5.70 11.44 1.03
CA GLY A 92 -6.55 11.23 -0.14
C GLY A 92 -6.73 12.43 -1.04
N ILE A 93 -5.95 13.49 -0.83
CA ILE A 93 -6.19 14.78 -1.47
C ILE A 93 -4.86 15.38 -1.90
N ILE A 94 -4.84 15.89 -3.13
CA ILE A 94 -3.72 16.67 -3.67
C ILE A 94 -4.27 18.05 -4.01
N PHE A 95 -3.46 19.09 -3.76
CA PHE A 95 -3.88 20.47 -4.00
C PHE A 95 -3.34 20.97 -5.33
N GLY A 96 -4.25 21.46 -6.17
CA GLY A 96 -3.85 22.40 -7.20
C GLY A 96 -3.60 23.76 -6.56
N THR A 97 -3.19 24.71 -7.40
CA THR A 97 -2.82 26.02 -6.90
C THR A 97 -3.98 26.74 -6.22
N ASN A 98 -5.22 26.38 -6.55
CA ASN A 98 -6.39 27.15 -6.12
C ASN A 98 -7.31 26.35 -5.22
N GLY A 99 -6.94 25.13 -4.83
CA GLY A 99 -7.82 24.31 -4.05
C GLY A 99 -7.64 22.82 -4.26
N PRO A 100 -8.39 22.04 -3.49
CA PRO A 100 -8.18 20.59 -3.44
C PRO A 100 -8.87 19.80 -4.54
N VAL A 101 -8.22 18.71 -4.90
CA VAL A 101 -8.72 17.71 -5.84
C VAL A 101 -8.43 16.32 -5.28
N ASP A 102 -9.44 15.45 -5.29
CA ASP A 102 -9.29 14.10 -4.76
C ASP A 102 -8.36 13.26 -5.64
N LEU A 103 -7.49 12.47 -5.01
CA LEU A 103 -6.65 11.57 -5.78
C LEU A 103 -7.46 10.51 -6.50
N LYS A 104 -8.53 9.99 -5.85
CA LYS A 104 -9.30 8.90 -6.47
C LYS A 104 -9.86 9.39 -7.81
N LYS A 105 -10.09 10.68 -7.93
CA LYS A 105 -10.57 11.25 -9.18
C LYS A 105 -9.49 11.27 -10.26
N ILE A 106 -8.26 11.66 -9.90
CA ILE A 106 -7.18 11.63 -10.89
C ILE A 106 -6.94 10.21 -11.38
N THR A 107 -6.70 9.28 -10.45
CA THR A 107 -6.35 7.92 -10.85
C THR A 107 -7.47 7.16 -11.57
N ASN A 108 -8.74 7.54 -11.37
CA ASN A 108 -9.85 6.82 -12.00
C ASN A 108 -9.87 6.98 -13.52
N PHE A 109 -9.21 8.01 -14.06
CA PHE A 109 -9.14 8.14 -15.51
C PHE A 109 -8.34 7.00 -16.11
N PHE A 110 -7.53 6.32 -15.32
CA PHE A 110 -6.63 5.30 -15.82
C PHE A 110 -7.07 3.90 -15.39
N ARG A 111 -8.22 3.77 -14.74
CA ARG A 111 -8.87 2.48 -14.60
C ARG A 111 -8.87 1.62 -15.86
N GLY A 112 -8.77 0.31 -15.61
CA GLY A 112 -8.79 -0.66 -16.69
C GLY A 112 -9.95 -0.45 -17.64
N ASP A 113 -11.14 -0.19 -17.10
CA ASP A 113 -12.31 -0.03 -17.97
C ASP A 113 -12.42 1.34 -18.63
N ARG A 114 -11.56 2.32 -18.30
CA ARG A 114 -11.68 3.66 -18.89
C ARG A 114 -10.49 4.08 -19.73
N CYS A 115 -9.29 3.57 -19.47
CA CYS A 115 -8.12 3.79 -20.32
C CYS A 115 -7.74 2.44 -20.92
N ARG A 116 -8.49 2.02 -21.95
CA ARG A 116 -8.34 0.65 -22.46
C ARG A 116 -6.98 0.40 -23.10
N SER A 117 -6.30 1.43 -23.59
CA SER A 117 -4.96 1.17 -24.13
C SER A 117 -3.93 0.98 -23.02
N LEU A 118 -4.33 1.09 -21.77
CA LEU A 118 -3.43 0.83 -20.66
C LEU A 118 -3.90 -0.33 -19.81
N THR A 119 -4.96 -1.03 -20.21
CA THR A 119 -5.41 -2.22 -19.49
C THR A 119 -4.31 -3.26 -19.45
N GLY A 120 -4.05 -3.81 -18.26
CA GLY A 120 -3.00 -4.79 -18.08
C GLY A 120 -1.59 -4.24 -18.06
N LYS A 121 -1.44 -2.92 -18.07
CA LYS A 121 -0.11 -2.34 -18.04
C LYS A 121 0.09 -1.55 -16.76
N PRO A 122 1.30 -1.55 -16.20
CA PRO A 122 1.53 -0.88 -14.91
C PRO A 122 1.27 0.61 -15.00
N LYS A 123 0.59 1.13 -14.00
CA LYS A 123 0.28 2.55 -13.89
C LYS A 123 0.85 3.04 -12.57
N LEU A 124 1.93 3.81 -12.64
CA LEU A 124 2.66 4.29 -11.47
C LEU A 124 2.21 5.70 -11.12
N PHE A 125 1.82 5.90 -9.86
CA PHE A 125 1.50 7.21 -9.31
C PHE A 125 2.44 7.50 -8.14
N ILE A 126 3.38 8.42 -8.34
N ILE A 126 3.36 8.44 -8.33
CA ILE A 126 4.33 8.85 -7.32
CA ILE A 126 4.35 8.82 -7.32
C ILE A 126 3.80 10.14 -6.70
C ILE A 126 3.90 10.12 -6.69
N ILE A 127 3.59 10.13 -5.38
N ILE A 127 3.59 10.10 -5.38
CA ILE A 127 2.85 11.21 -4.71
CA ILE A 127 2.88 11.19 -4.74
C ILE A 127 3.71 11.78 -3.60
C ILE A 127 3.71 11.78 -3.60
N GLN A 128 4.27 12.96 -3.84
CA GLN A 128 5.00 13.72 -2.82
C GLN A 128 4.06 14.83 -2.35
N ALA A 129 3.48 14.64 -1.17
CA ALA A 129 2.48 15.53 -0.61
C ALA A 129 2.12 15.03 0.78
N CYS A 130 1.66 15.94 1.64
CA CYS A 130 1.28 15.56 2.98
C CYS A 130 0.00 14.75 2.93
N ARG A 131 -0.20 13.93 3.98
CA ARG A 131 -1.37 13.06 4.08
C ARG A 131 -2.11 13.25 5.41
N GLY A 132 -1.95 14.40 6.04
CA GLY A 132 -2.39 14.62 7.40
C GLY A 132 -1.42 15.55 8.11
N THR A 133 -1.54 15.60 9.44
CA THR A 133 -0.72 16.53 10.22
C THR A 133 -0.02 15.86 11.39
N GLU A 134 -0.03 14.54 11.48
CA GLU A 134 0.75 13.87 12.49
C GLU A 134 2.25 14.01 12.17
N LEU A 135 3.06 13.87 13.20
CA LEU A 135 4.51 13.94 13.07
C LEU A 135 5.09 12.68 13.67
N ASP A 136 6.08 12.09 13.00
CA ASP A 136 6.74 10.91 13.52
C ASP A 136 7.91 11.36 14.38
N CYS A 137 7.84 11.08 15.69
CA CYS A 137 8.89 11.48 16.63
C CYS A 137 10.09 10.54 16.64
N GLY A 138 9.96 9.35 16.08
CA GLY A 138 11.08 8.45 16.00
C GLY A 138 11.30 7.65 17.28
N ILE A 139 12.18 6.67 17.19
CA ILE A 139 12.62 5.87 18.32
C ILE A 139 14.07 5.51 18.08
N GLU A 140 14.87 5.56 19.15
CA GLU A 140 16.31 5.32 19.08
C GLU A 140 16.60 3.85 18.83
N HIS B 2 -12.72 -14.30 -18.65
CA HIS B 2 -11.36 -13.78 -18.57
C HIS B 2 -11.34 -12.25 -18.40
N LYS B 3 -11.69 -11.81 -17.19
CA LYS B 3 -11.72 -10.41 -16.79
C LYS B 3 -10.59 -10.12 -15.80
N ILE B 4 -10.17 -8.86 -15.72
CA ILE B 4 -9.30 -8.41 -14.64
C ILE B 4 -10.01 -7.27 -13.94
N PRO B 5 -9.76 -7.03 -12.64
CA PRO B 5 -10.45 -5.92 -11.97
C PRO B 5 -9.93 -4.61 -12.51
N VAL B 6 -10.81 -3.59 -12.51
CA VAL B 6 -10.45 -2.29 -13.07
C VAL B 6 -9.42 -1.56 -12.20
N GLU B 7 -9.30 -1.92 -10.92
CA GLU B 7 -8.34 -1.34 -9.99
C GLU B 7 -6.98 -2.05 -9.99
N ALA B 8 -6.78 -3.04 -10.86
CA ALA B 8 -5.52 -3.77 -10.88
C ALA B 8 -4.47 -3.01 -11.68
N ASP B 9 -3.21 -3.29 -11.36
CA ASP B 9 -2.05 -2.78 -12.07
C ASP B 9 -1.81 -1.30 -11.78
N PHE B 10 -2.25 -0.84 -10.61
CA PHE B 10 -1.87 0.45 -10.06
C PHE B 10 -0.84 0.24 -8.97
N LEU B 11 0.17 1.09 -8.97
CA LEU B 11 1.06 1.25 -7.86
C LEU B 11 1.04 2.72 -7.44
N TYR B 12 0.87 2.95 -6.15
CA TYR B 12 0.89 4.29 -5.55
C TYR B 12 2.08 4.36 -4.61
N ALA B 13 3.17 4.99 -5.06
CA ALA B 13 4.32 5.26 -4.20
C ALA B 13 4.05 6.54 -3.43
N TYR B 14 3.62 6.42 -2.18
CA TYR B 14 3.39 7.61 -1.36
C TYR B 14 4.65 7.99 -0.62
N SER B 15 4.86 9.30 -0.46
CA SER B 15 6.07 9.78 0.21
C SER B 15 6.03 9.58 1.71
N THR B 16 4.86 9.31 2.28
CA THR B 16 4.75 9.26 3.72
C THR B 16 3.58 8.36 4.11
N ALA B 17 3.51 8.08 5.40
CA ALA B 17 2.48 7.15 5.85
C ALA B 17 1.13 7.86 5.88
N PRO B 18 0.03 7.11 5.79
CA PRO B 18 -1.29 7.73 5.93
C PRO B 18 -1.40 8.53 7.21
N GLY B 19 -1.97 9.72 7.11
CA GLY B 19 -2.14 10.59 8.25
C GLY B 19 -0.97 11.51 8.56
N TYR B 20 0.21 11.28 7.98
CA TYR B 20 1.41 12.01 8.38
C TYR B 20 1.75 13.14 7.42
N TYR B 21 2.47 14.12 7.99
CA TYR B 21 3.25 15.07 7.20
C TYR B 21 4.28 14.36 6.33
N SER B 22 4.63 14.99 5.22
CA SER B 22 5.78 14.63 4.41
C SER B 22 6.77 15.78 4.43
N TRP B 23 8.06 15.46 4.35
CA TRP B 23 9.10 16.47 4.54
C TRP B 23 9.78 16.84 3.25
N ARG B 24 10.10 18.12 3.12
CA ARG B 24 10.86 18.61 1.97
C ARG B 24 11.96 19.51 2.51
N ASN B 25 13.13 19.46 1.88
CA ASN B 25 14.22 20.36 2.24
C ASN B 25 14.28 21.51 1.25
N SER B 26 14.46 22.72 1.77
CA SER B 26 14.30 23.92 0.93
C SER B 26 15.35 24.03 -0.16
N LYS B 27 16.54 23.46 0.04
CA LYS B 27 17.59 23.46 -0.98
C LYS B 27 17.65 22.17 -1.78
N ASP B 28 17.49 21.03 -1.12
CA ASP B 28 17.78 19.74 -1.74
C ASP B 28 16.58 19.06 -2.36
N GLY B 29 15.37 19.57 -2.15
CA GLY B 29 14.18 18.84 -2.53
C GLY B 29 13.66 17.93 -1.42
N SER B 30 12.53 17.29 -1.71
CA SER B 30 11.89 16.47 -0.71
C SER B 30 12.71 15.22 -0.44
N TRP B 31 12.62 14.72 0.80
CA TRP B 31 13.34 13.51 1.16
C TRP B 31 12.95 12.35 0.27
N PHE B 32 11.64 12.18 0.04
CA PHE B 32 11.19 11.02 -0.74
C PHE B 32 11.73 11.06 -2.15
N ILE B 33 11.55 12.19 -2.86
CA ILE B 33 11.91 12.23 -4.28
C ILE B 33 13.42 12.09 -4.48
N GLN B 34 14.23 12.78 -3.66
CA GLN B 34 15.68 12.66 -3.85
C GLN B 34 16.15 11.24 -3.58
N SER B 35 15.55 10.57 -2.59
CA SER B 35 15.83 9.17 -2.35
C SER B 35 15.32 8.29 -3.48
N LEU B 36 14.13 8.59 -4.01
CA LEU B 36 13.62 7.81 -5.13
C LEU B 36 14.55 7.91 -6.34
N CYS B 37 15.00 9.12 -6.68
CA CYS B 37 15.83 9.27 -7.87
C CYS B 37 17.20 8.64 -7.66
N ALA B 38 17.76 8.75 -6.45
CA ALA B 38 19.04 8.12 -6.18
C ALA B 38 18.93 6.61 -6.34
N MET B 39 17.90 6.00 -5.75
CA MET B 39 17.71 4.56 -5.84
C MET B 39 17.43 4.11 -7.28
N LEU B 40 16.60 4.85 -8.02
CA LEU B 40 16.36 4.47 -9.41
C LEU B 40 17.63 4.53 -10.24
N LYS B 41 18.46 5.56 -10.02
CA LYS B 41 19.72 5.66 -10.74
C LYS B 41 20.64 4.48 -10.44
N GLN B 42 20.71 4.09 -9.18
CA GLN B 42 21.60 2.99 -8.82
C GLN B 42 21.07 1.61 -9.20
N TYR B 43 19.76 1.36 -9.11
CA TYR B 43 19.25 -0.01 -9.17
C TYR B 43 18.22 -0.32 -10.25
N ALA B 44 17.78 0.66 -11.06
CA ALA B 44 16.72 0.35 -12.03
C ALA B 44 17.16 -0.65 -13.09
N ASP B 45 18.44 -0.90 -13.19
CA ASP B 45 19.06 -1.78 -14.18
C ASP B 45 19.33 -3.18 -13.63
N LYS B 46 18.96 -3.41 -12.36
CA LYS B 46 19.24 -4.63 -11.61
C LYS B 46 18.02 -5.11 -10.83
N LEU B 47 17.40 -4.24 -10.03
CA LEU B 47 16.41 -4.67 -9.07
C LEU B 47 14.99 -4.54 -9.61
N GLU B 48 14.11 -5.41 -9.13
CA GLU B 48 12.70 -5.21 -9.35
C GLU B 48 12.26 -3.93 -8.63
N PHE B 49 11.19 -3.33 -9.14
CA PHE B 49 10.80 -1.99 -8.69
C PHE B 49 10.38 -1.99 -7.21
N MET B 50 9.65 -3.02 -6.75
CA MET B 50 9.28 -3.05 -5.33
C MET B 50 10.51 -3.07 -4.44
N HIS B 51 11.55 -3.81 -4.85
CA HIS B 51 12.78 -3.82 -4.06
C HIS B 51 13.46 -2.47 -4.08
N ILE B 52 13.38 -1.77 -5.20
CA ILE B 52 13.91 -0.41 -5.24
C ILE B 52 13.14 0.48 -4.28
N LEU B 53 11.81 0.36 -4.31
CA LEU B 53 11.01 1.22 -3.42
C LEU B 53 11.23 0.88 -1.95
N THR B 54 11.51 -0.40 -1.64
CA THR B 54 11.89 -0.79 -0.28
C THR B 54 13.22 -0.13 0.12
N ARG B 55 14.16 0.00 -0.81
CA ARG B 55 15.40 0.69 -0.49
C ARG B 55 15.19 2.19 -0.35
N VAL B 56 14.24 2.78 -1.09
CA VAL B 56 13.81 4.14 -0.80
C VAL B 56 13.22 4.23 0.60
N ASN B 57 12.38 3.27 0.99
CA ASN B 57 11.82 3.26 2.33
C ASN B 57 12.93 3.33 3.39
N ARG B 58 13.93 2.45 3.28
CA ARG B 58 15.00 2.41 4.29
C ARG B 58 15.81 3.70 4.28
N LYS B 59 16.06 4.27 3.10
CA LYS B 59 16.90 5.46 3.00
C LYS B 59 16.25 6.68 3.64
N VAL B 60 15.00 6.99 3.25
CA VAL B 60 14.21 8.02 3.95
C VAL B 60 14.17 7.76 5.46
N ALA B 61 14.01 6.49 5.85
CA ALA B 61 13.79 6.19 7.26
C ALA B 61 15.06 6.31 8.09
N THR B 62 16.22 6.01 7.51
CA THR B 62 17.43 5.97 8.30
C THR B 62 18.33 7.20 8.11
N GLU B 63 18.30 7.87 6.97
CA GLU B 63 19.24 8.94 6.71
C GLU B 63 18.66 10.34 6.77
N PHE B 64 17.37 10.50 7.06
CA PHE B 64 16.79 11.83 7.13
C PHE B 64 16.14 12.05 8.50
N GLU B 65 16.30 13.25 9.02
CA GLU B 65 15.72 13.67 10.28
C GLU B 65 15.56 15.18 10.18
N SER B 66 14.41 15.71 10.60
CA SER B 66 14.14 17.12 10.35
C SER B 66 14.99 18.01 11.25
N PHE B 67 15.41 19.15 10.71
CA PHE B 67 16.04 20.22 11.46
C PHE B 67 15.14 21.45 11.34
N SER B 68 14.67 21.95 12.48
CA SER B 68 13.76 23.08 12.52
C SER B 68 14.07 23.96 13.71
N PHE B 69 13.96 25.29 13.52
CA PHE B 69 14.08 26.21 14.65
C PHE B 69 12.87 26.16 15.56
N ASP B 70 11.80 25.50 15.12
CA ASP B 70 10.58 25.30 15.88
C ASP B 70 10.69 23.92 16.53
N ALA B 71 10.73 23.89 17.86
CA ALA B 71 10.90 22.62 18.56
C ALA B 71 9.79 21.65 18.22
N THR B 72 8.60 22.17 17.89
CA THR B 72 7.48 21.32 17.48
C THR B 72 7.82 20.47 16.25
N PHE B 73 8.64 21.01 15.33
CA PHE B 73 8.95 20.34 14.08
C PHE B 73 10.38 19.83 14.00
N HIS B 74 11.06 19.70 15.12
CA HIS B 74 12.47 19.39 15.12
C HIS B 74 12.67 17.92 15.45
N ALA B 75 13.61 17.28 14.74
CA ALA B 75 13.98 15.88 14.97
C ALA B 75 12.86 14.88 14.62
N LYS B 76 12.06 15.19 13.59
CA LYS B 76 11.01 14.27 13.14
C LYS B 76 11.51 13.34 12.03
N LYS B 77 10.83 12.21 11.92
CA LYS B 77 11.21 11.14 10.99
C LYS B 77 10.08 10.88 9.99
N GLN B 78 10.38 10.07 8.97
CA GLN B 78 9.42 9.80 7.89
C GLN B 78 9.63 8.39 7.35
N ILE B 79 8.53 7.68 7.11
CA ILE B 79 8.55 6.42 6.39
C ILE B 79 7.61 6.53 5.20
N PRO B 80 8.04 6.17 3.99
CA PRO B 80 7.13 6.20 2.84
C PRO B 80 6.21 4.98 2.83
N CYS B 81 5.29 4.99 1.88
CA CYS B 81 4.16 4.06 1.89
C CYS B 81 3.93 3.55 0.47
N ILE B 82 4.42 2.34 0.21
CA ILE B 82 4.24 1.64 -1.05
C ILE B 82 2.88 0.96 -1.05
N VAL B 83 2.05 1.28 -2.04
CA VAL B 83 0.71 0.71 -2.15
C VAL B 83 0.60 0.10 -3.55
N SER B 84 0.65 -1.22 -3.61
CA SER B 84 0.65 -1.96 -4.87
C SER B 84 -0.63 -2.76 -5.05
N MET B 85 -1.34 -2.48 -6.14
CA MET B 85 -2.32 -3.40 -6.69
C MET B 85 -1.79 -4.00 -7.99
N LEU B 86 -0.46 -4.11 -8.09
CA LEU B 86 0.18 -4.70 -9.25
C LEU B 86 -0.01 -6.20 -9.21
N THR B 87 -0.13 -6.80 -10.39
CA THR B 87 -0.25 -8.24 -10.52
C THR B 87 1.03 -8.91 -11.00
N LYS B 88 2.10 -8.16 -11.29
CA LYS B 88 3.30 -8.76 -11.83
C LYS B 88 4.53 -7.98 -11.34
N GLU B 89 5.70 -8.59 -11.49
CA GLU B 89 6.94 -7.89 -11.20
C GLU B 89 7.27 -6.88 -12.30
N LEU B 90 8.00 -5.83 -11.91
CA LEU B 90 8.28 -4.70 -12.80
C LEU B 90 9.77 -4.48 -12.87
N TYR B 91 10.35 -4.75 -14.05
CA TYR B 91 11.75 -4.45 -14.32
C TYR B 91 11.83 -3.36 -15.38
N PHE B 92 12.64 -2.34 -15.11
CA PHE B 92 12.83 -1.25 -16.06
C PHE B 92 13.85 -1.58 -17.14
N TYR B 93 14.45 -2.76 -17.13
CA TYR B 93 15.40 -3.13 -18.19
C TYR B 93 14.78 -4.21 -19.08
N ASN C 2 19.66 -4.69 1.81
CA ASN C 2 19.54 -5.57 2.97
C ASN C 2 18.22 -6.34 3.08
N SER C 3 18.25 -7.31 3.99
CA SER C 3 17.09 -8.14 4.23
C SER C 3 17.02 -8.42 5.72
N TYR C 4 15.80 -8.55 6.21
CA TYR C 4 15.56 -8.68 7.64
C TYR C 4 16.24 -9.91 8.21
N LYS C 5 16.73 -9.76 9.43
CA LYS C 5 17.34 -10.86 10.18
C LYS C 5 16.21 -11.79 10.63
N MET C 6 16.17 -12.99 10.05
CA MET C 6 15.11 -13.97 10.27
C MET C 6 15.63 -15.21 10.97
N ASP C 7 16.84 -15.14 11.53
CA ASP C 7 17.48 -16.28 12.18
C ASP C 7 17.60 -16.07 13.68
N TYR C 8 16.68 -15.31 14.27
CA TYR C 8 16.45 -15.35 15.71
C TYR C 8 15.99 -16.77 16.10
N PRO C 9 16.09 -17.12 17.39
CA PRO C 9 15.66 -18.48 17.82
C PRO C 9 14.25 -18.87 17.41
N GLU C 10 13.32 -17.94 17.38
CA GLU C 10 11.94 -18.21 16.97
C GLU C 10 11.58 -17.30 15.81
N MET C 11 10.77 -17.81 14.88
CA MET C 11 10.26 -16.94 13.81
C MET C 11 9.35 -15.86 14.38
N GLY C 12 8.56 -16.20 15.41
CA GLY C 12 7.68 -15.26 16.05
C GLY C 12 6.27 -15.80 16.17
N LEU C 13 5.39 -14.95 16.71
CA LEU C 13 3.98 -15.31 16.87
C LEU C 13 3.19 -15.04 15.58
N CYS C 14 2.04 -15.72 15.47
CA CYS C 14 1.09 -15.50 14.39
C CYS C 14 -0.29 -15.58 15.04
N ILE C 15 -0.84 -14.43 15.39
CA ILE C 15 -2.17 -14.35 15.99
C ILE C 15 -3.21 -14.26 14.88
N ILE C 16 -4.13 -15.22 14.88
CA ILE C 16 -5.26 -15.30 13.97
C ILE C 16 -6.51 -14.99 14.76
N ILE C 17 -7.19 -13.91 14.40
CA ILE C 17 -8.47 -13.54 14.98
C ILE C 17 -9.53 -13.86 13.96
N ASN C 18 -10.34 -14.87 14.24
CA ASN C 18 -11.33 -15.42 13.32
C ASN C 18 -12.73 -15.12 13.87
N ASN C 19 -13.40 -14.12 13.33
CA ASN C 19 -14.72 -13.72 13.80
C ASN C 19 -15.78 -14.18 12.80
N LYS C 20 -16.60 -15.15 13.22
CA LYS C 20 -17.63 -15.76 12.39
C LYS C 20 -19.03 -15.32 12.75
N ASN C 21 -19.36 -15.28 14.04
CA ASN C 21 -20.71 -15.02 14.52
C ASN C 21 -20.77 -13.68 15.23
N PHE C 22 -21.70 -12.83 14.82
CA PHE C 22 -21.83 -11.48 15.32
C PHE C 22 -23.16 -11.32 16.07
N HIS C 23 -23.13 -10.52 17.14
CA HIS C 23 -24.35 -10.23 17.89
C HIS C 23 -25.37 -9.58 16.99
N LYS C 24 -26.63 -10.03 17.10
CA LYS C 24 -27.71 -9.47 16.30
C LYS C 24 -27.80 -7.96 16.44
N SER C 25 -27.29 -7.41 17.55
CA SER C 25 -26.98 -5.99 17.71
C SER C 25 -26.36 -5.36 16.46
N THR C 26 -25.53 -6.13 15.74
CA THR C 26 -24.73 -5.58 14.66
C THR C 26 -25.37 -5.65 13.29
N GLY C 27 -26.29 -6.60 13.06
CA GLY C 27 -26.86 -6.75 11.73
C GLY C 27 -25.91 -7.41 10.76
N MET C 28 -24.91 -8.10 11.28
CA MET C 28 -23.87 -8.74 10.48
C MET C 28 -24.20 -10.21 10.22
N THR C 29 -24.15 -10.59 8.96
CA THR C 29 -24.35 -11.98 8.60
C THR C 29 -23.22 -12.83 9.18
N SER C 30 -23.55 -14.07 9.55
CA SER C 30 -22.50 -15.02 9.91
C SER C 30 -21.62 -15.28 8.69
N ARG C 31 -20.32 -15.48 8.93
CA ARG C 31 -19.34 -15.50 7.83
C ARG C 31 -18.95 -16.94 7.52
N SER C 32 -19.82 -17.63 6.79
CA SER C 32 -19.56 -19.03 6.43
C SER C 32 -18.27 -19.15 5.61
N GLY C 33 -17.48 -20.17 5.92
CA GLY C 33 -16.22 -20.37 5.25
C GLY C 33 -15.03 -19.77 5.94
N THR C 34 -15.23 -18.97 6.99
CA THR C 34 -14.10 -18.35 7.65
C THR C 34 -13.31 -19.34 8.51
N ASP C 35 -13.90 -20.48 8.86
CA ASP C 35 -13.17 -21.51 9.60
C ASP C 35 -12.13 -22.20 8.71
N VAL C 36 -12.50 -22.46 7.45
CA VAL C 36 -11.56 -23.01 6.48
C VAL C 36 -10.36 -22.07 6.31
N ASP C 37 -10.61 -20.77 6.32
CA ASP C 37 -9.49 -19.81 6.29
C ASP C 37 -8.62 -19.95 7.53
N ALA C 38 -9.21 -19.92 8.72
CA ALA C 38 -8.40 -19.92 9.93
C ALA C 38 -7.55 -21.19 10.03
N ALA C 39 -8.13 -22.34 9.66
CA ALA C 39 -7.36 -23.59 9.69
C ALA C 39 -6.29 -23.61 8.60
N ASN C 40 -6.58 -23.05 7.43
CA ASN C 40 -5.59 -22.95 6.36
C ASN C 40 -4.42 -22.06 6.78
N LEU C 41 -4.74 -20.87 7.31
CA LEU C 41 -3.70 -19.99 7.85
C LEU C 41 -2.87 -20.70 8.93
N ARG C 42 -3.55 -21.46 9.80
CA ARG C 42 -2.84 -22.08 10.91
C ARG C 42 -1.83 -23.10 10.43
N GLU C 43 -2.21 -23.89 9.42
CA GLU C 43 -1.27 -24.86 8.87
C GLU C 43 -0.15 -24.20 8.10
N THR C 44 -0.44 -23.08 7.42
CA THR C 44 0.59 -22.42 6.62
C THR C 44 1.68 -21.83 7.50
N PHE C 45 1.30 -21.12 8.55
CA PHE C 45 2.33 -20.49 9.34
C PHE C 45 3.05 -21.49 10.24
N ARG C 46 2.42 -22.62 10.57
CA ARG C 46 3.15 -23.68 11.25
C ARG C 46 4.32 -24.18 10.41
N ASN C 47 4.12 -24.30 9.09
CA ASN C 47 5.18 -24.70 8.18
C ASN C 47 6.23 -23.63 8.00
N LEU C 48 5.92 -22.39 8.33
CA LEU C 48 6.91 -21.33 8.33
C LEU C 48 7.61 -21.22 9.67
N LYS C 49 7.22 -22.07 10.63
CA LYS C 49 7.80 -22.17 11.97
C LYS C 49 7.36 -21.02 12.87
N TYR C 50 6.10 -20.59 12.75
CA TYR C 50 5.52 -19.59 13.62
C TYR C 50 4.72 -20.25 14.72
N GLU C 51 4.81 -19.71 15.92
CA GLU C 51 3.94 -20.08 17.02
C GLU C 51 2.56 -19.48 16.75
N VAL C 52 1.58 -20.32 16.40
CA VAL C 52 0.24 -19.86 16.01
C VAL C 52 -0.69 -19.84 17.21
N ARG C 53 -1.52 -18.80 17.31
CA ARG C 53 -2.58 -18.75 18.31
C ARG C 53 -3.89 -18.29 17.63
N ASN C 54 -4.75 -19.26 17.31
CA ASN C 54 -6.13 -18.99 16.92
C ASN C 54 -6.99 -18.53 18.07
N LYS C 55 -7.71 -17.44 17.84
CA LYS C 55 -8.71 -16.88 18.73
C LYS C 55 -9.98 -16.67 17.93
N ASN C 56 -11.12 -17.06 18.49
CA ASN C 56 -12.40 -17.03 17.77
C ASN C 56 -13.43 -16.13 18.47
N ASP C 57 -14.32 -15.56 17.66
CA ASP C 57 -15.42 -14.71 18.14
C ASP C 57 -15.00 -13.83 19.31
N LEU C 58 -14.14 -12.85 19.04
CA LEU C 58 -13.71 -11.87 20.03
C LEU C 58 -14.51 -10.59 19.87
N THR C 59 -14.97 -10.04 20.99
CA THR C 59 -15.59 -8.73 20.98
C THR C 59 -14.54 -7.66 20.67
N ARG C 60 -15.02 -6.48 20.29
CA ARG C 60 -14.14 -5.34 20.04
C ARG C 60 -13.19 -5.10 21.20
N GLU C 61 -13.65 -5.37 22.44
CA GLU C 61 -12.84 -5.19 23.64
C GLU C 61 -11.84 -6.31 23.83
N GLU C 62 -12.26 -7.55 23.59
CA GLU C 62 -11.36 -8.69 23.69
C GLU C 62 -10.20 -8.56 22.70
N ILE C 63 -10.45 -7.92 21.54
CA ILE C 63 -9.40 -7.76 20.54
C ILE C 63 -8.34 -6.78 21.05
N VAL C 64 -8.78 -5.61 21.52
CA VAL C 64 -7.89 -4.62 22.11
C VAL C 64 -7.05 -5.24 23.24
N GLU C 65 -7.72 -5.91 24.18
CA GLU C 65 -7.01 -6.45 25.32
C GLU C 65 -6.01 -7.49 24.87
N LEU C 66 -6.38 -8.30 23.89
CA LEU C 66 -5.44 -9.28 23.35
C LEU C 66 -4.20 -8.60 22.78
N MET C 67 -4.38 -7.44 22.14
CA MET C 67 -3.29 -6.85 21.37
C MET C 67 -2.28 -6.15 22.26
N ARG C 68 -2.73 -5.32 23.20
CA ARG C 68 -1.81 -4.88 24.26
C ARG C 68 -1.13 -6.03 24.99
N ASP C 69 -1.84 -7.10 25.30
CA ASP C 69 -1.16 -8.18 26.00
C ASP C 69 -0.07 -8.79 25.12
N VAL C 70 -0.34 -8.99 23.83
CA VAL C 70 0.69 -9.48 22.93
C VAL C 70 1.82 -8.44 22.78
N SER C 71 1.46 -7.16 22.63
CA SER C 71 2.48 -6.14 22.47
C SER C 71 3.25 -5.91 23.75
N LYS C 72 2.72 -6.35 24.89
CA LYS C 72 3.44 -6.30 26.15
C LYS C 72 4.34 -7.51 26.36
N GLU C 73 4.25 -8.52 25.50
CA GLU C 73 5.12 -9.68 25.60
C GLU C 73 6.56 -9.29 25.27
N ASP C 74 7.49 -10.19 25.60
CA ASP C 74 8.91 -9.99 25.29
C ASP C 74 9.20 -10.74 24.00
N HIS C 75 9.38 -9.99 22.90
CA HIS C 75 9.66 -10.55 21.58
C HIS C 75 11.15 -10.61 21.27
N SER C 76 11.99 -10.33 22.27
CA SER C 76 13.44 -10.19 22.06
C SER C 76 14.06 -11.36 21.30
N LYS C 77 13.44 -12.53 21.34
CA LYS C 77 14.03 -13.70 20.71
C LYS C 77 13.21 -14.18 19.51
N ARG C 78 12.25 -13.37 19.05
CA ARG C 78 11.45 -13.66 17.89
C ARG C 78 11.88 -12.79 16.71
N SER C 79 11.77 -13.33 15.48
CA SER C 79 12.19 -12.58 14.30
C SER C 79 11.17 -11.55 13.84
N SER C 80 9.89 -11.81 14.08
CA SER C 80 8.86 -11.06 13.38
C SER C 80 7.58 -11.19 14.16
N PHE C 81 6.52 -10.60 13.62
CA PHE C 81 5.21 -10.70 14.22
C PHE C 81 4.15 -10.70 13.12
N VAL C 82 3.27 -11.66 13.15
CA VAL C 82 2.20 -11.76 12.16
C VAL C 82 0.87 -11.68 12.89
N CYS C 83 -0.07 -10.90 12.35
CA CYS C 83 -1.42 -10.80 12.89
C CYS C 83 -2.39 -10.89 11.72
N VAL C 84 -3.28 -11.88 11.78
CA VAL C 84 -4.28 -12.08 10.75
C VAL C 84 -5.65 -11.80 11.36
N LEU C 85 -6.39 -10.90 10.73
CA LEU C 85 -7.74 -10.55 11.14
C LEU C 85 -8.70 -11.00 10.06
N LEU C 86 -9.66 -11.85 10.44
CA LEU C 86 -10.69 -12.34 9.52
C LEU C 86 -12.05 -11.88 10.07
N SER C 87 -12.68 -10.94 9.40
CA SER C 87 -13.91 -10.35 9.93
C SER C 87 -14.58 -9.47 8.88
N HIS C 88 -15.75 -8.97 9.23
CA HIS C 88 -16.36 -7.85 8.50
C HIS C 88 -15.57 -6.58 8.78
N GLY C 89 -15.63 -5.64 7.86
CA GLY C 89 -15.07 -4.34 8.11
C GLY C 89 -15.62 -3.28 7.19
N GLU C 90 -15.12 -2.07 7.40
CA GLU C 90 -15.26 -0.90 6.55
C GLU C 90 -13.86 -0.31 6.42
N GLU C 91 -13.72 0.77 5.66
CA GLU C 91 -12.42 1.41 5.50
C GLU C 91 -11.84 1.79 6.86
N GLY C 92 -10.66 1.25 7.18
CA GLY C 92 -10.03 1.58 8.42
C GLY C 92 -10.53 0.82 9.62
N ILE C 93 -11.54 -0.05 9.45
CA ILE C 93 -12.25 -0.62 10.59
C ILE C 93 -12.38 -2.13 10.44
N ILE C 94 -12.14 -2.85 11.55
CA ILE C 94 -12.43 -4.26 11.75
C ILE C 94 -13.52 -4.39 12.79
N PHE C 95 -14.43 -5.34 12.61
CA PHE C 95 -15.52 -5.59 13.54
C PHE C 95 -15.18 -6.69 14.52
N GLY C 96 -15.29 -6.40 15.81
CA GLY C 96 -15.50 -7.46 16.78
C GLY C 96 -16.92 -7.97 16.67
N THR C 97 -17.20 -9.02 17.45
CA THR C 97 -18.52 -9.62 17.44
C THR C 97 -19.62 -8.61 17.79
N ASN C 98 -19.30 -7.63 18.63
CA ASN C 98 -20.31 -6.68 19.11
C ASN C 98 -20.24 -5.31 18.44
N GLY C 99 -19.15 -4.97 17.76
CA GLY C 99 -19.02 -3.68 17.14
C GLY C 99 -17.69 -3.39 16.47
N PRO C 100 -17.53 -2.17 15.96
CA PRO C 100 -16.32 -1.83 15.20
C PRO C 100 -15.12 -1.42 16.06
N VAL C 101 -13.93 -1.75 15.54
CA VAL C 101 -12.63 -1.34 16.08
C VAL C 101 -11.87 -0.59 14.99
N ASP C 102 -11.23 0.52 15.36
CA ASP C 102 -10.31 1.16 14.44
C ASP C 102 -9.07 0.30 14.24
N LEU C 103 -8.74 0.02 12.98
CA LEU C 103 -7.53 -0.76 12.70
C LEU C 103 -6.28 -0.10 13.27
N LYS C 104 -6.19 1.24 13.22
CA LYS C 104 -4.97 1.88 13.66
C LYS C 104 -4.83 1.84 15.17
N LYS C 105 -5.93 1.73 15.93
CA LYS C 105 -5.85 1.42 17.36
C LYS C 105 -5.15 0.07 17.61
N ILE C 106 -5.51 -0.96 16.83
CA ILE C 106 -4.88 -2.27 16.95
C ILE C 106 -3.38 -2.15 16.66
N THR C 107 -3.03 -1.54 15.53
CA THR C 107 -1.64 -1.56 15.09
C THR C 107 -0.75 -0.57 15.86
N ASN C 108 -1.34 0.39 16.59
CA ASN C 108 -0.48 1.31 17.33
C ASN C 108 0.21 0.60 18.50
N PHE C 109 -0.38 -0.46 19.04
CA PHE C 109 0.29 -1.21 20.11
C PHE C 109 1.68 -1.71 19.71
N PHE C 110 1.94 -1.82 18.41
CA PHE C 110 3.18 -2.40 17.91
C PHE C 110 4.08 -1.35 17.27
N ARG C 111 3.71 -0.07 17.36
CA ARG C 111 4.61 1.00 16.95
C ARG C 111 6.00 0.78 17.51
N GLY C 112 7.02 1.12 16.71
CA GLY C 112 8.41 0.89 17.07
C GLY C 112 8.81 1.52 18.39
N ASP C 113 8.01 2.47 18.89
CA ASP C 113 8.28 3.08 20.19
C ASP C 113 7.48 2.45 21.33
N ARG C 114 6.32 1.87 21.05
CA ARG C 114 5.46 1.24 22.07
C ARG C 114 5.71 -0.25 22.24
N CYS C 115 6.55 -0.85 21.41
CA CYS C 115 6.83 -2.29 21.51
C CYS C 115 8.29 -2.50 21.15
N ARG C 116 9.17 -2.22 22.12
CA ARG C 116 10.60 -2.16 21.81
C ARG C 116 11.15 -3.51 21.36
N SER C 117 10.59 -4.62 21.88
CA SER C 117 11.14 -5.90 21.46
C SER C 117 10.76 -6.27 20.03
N LEU C 118 10.03 -5.41 19.31
CA LEU C 118 9.80 -5.61 17.88
C LEU C 118 10.36 -4.47 17.03
N THR C 119 11.06 -3.50 17.64
CA THR C 119 11.64 -2.40 16.88
C THR C 119 12.64 -2.93 15.87
N GLY C 120 12.56 -2.40 14.64
CA GLY C 120 13.40 -2.88 13.56
C GLY C 120 13.01 -4.24 13.04
N LYS C 121 11.85 -4.74 13.42
CA LYS C 121 11.47 -6.10 13.04
C LYS C 121 10.14 -6.08 12.28
N PRO C 122 9.99 -6.94 11.28
CA PRO C 122 8.80 -6.89 10.42
C PRO C 122 7.53 -7.23 11.18
N LYS C 123 6.52 -6.37 11.02
CA LYS C 123 5.23 -6.53 11.65
C LYS C 123 4.18 -6.65 10.54
N LEU C 124 3.65 -7.85 10.35
CA LEU C 124 2.77 -8.14 9.23
C LEU C 124 1.35 -8.23 9.74
N PHE C 125 0.47 -7.43 9.16
CA PHE C 125 -0.95 -7.47 9.44
C PHE C 125 -1.67 -7.87 8.16
N ILE C 126 -2.34 -9.02 8.20
CA ILE C 126 -3.06 -9.59 7.05
C ILE C 126 -4.54 -9.44 7.36
N ILE C 127 -5.26 -8.70 6.53
CA ILE C 127 -6.65 -8.35 6.86
C ILE C 127 -7.57 -8.90 5.76
N GLN C 128 -8.39 -9.89 6.12
CA GLN C 128 -9.51 -10.30 5.26
C GLN C 128 -10.77 -9.67 5.83
N ALA C 129 -11.28 -8.64 5.13
CA ALA C 129 -12.39 -7.80 5.60
C ALA C 129 -12.78 -6.77 4.55
N CYS C 130 -14.05 -6.42 4.46
CA CYS C 130 -14.46 -5.40 3.51
C CYS C 130 -13.81 -4.07 3.88
N ARG C 131 -13.73 -3.19 2.87
CA ARG C 131 -13.19 -1.84 3.05
C ARG C 131 -14.15 -0.81 2.48
N GLY C 132 -15.42 -1.12 2.44
CA GLY C 132 -16.39 -0.31 1.76
C GLY C 132 -17.38 -1.20 1.07
N THR C 133 -18.21 -0.59 0.21
CA THR C 133 -19.30 -1.31 -0.44
C THR C 133 -19.27 -1.17 -1.96
N GLU C 134 -18.14 -0.79 -2.54
CA GLU C 134 -18.09 -0.76 -4.00
C GLU C 134 -17.80 -2.16 -4.54
N LEU C 135 -18.22 -2.37 -5.80
CA LEU C 135 -18.02 -3.61 -6.51
C LEU C 135 -17.17 -3.35 -7.75
N ASP C 136 -16.18 -4.22 -7.98
CA ASP C 136 -15.32 -4.13 -9.15
C ASP C 136 -15.97 -4.92 -10.29
N CYS C 137 -16.49 -4.22 -11.31
N CYS C 137 -16.49 -4.20 -11.30
CA CYS C 137 -17.17 -4.94 -12.38
CA CYS C 137 -17.16 -4.86 -12.42
C CYS C 137 -16.21 -5.63 -13.34
C CYS C 137 -16.19 -5.67 -13.27
N GLY C 138 -14.94 -5.23 -13.36
CA GLY C 138 -13.96 -5.85 -14.21
C GLY C 138 -13.96 -5.28 -15.63
N ILE C 139 -12.97 -5.71 -16.41
CA ILE C 139 -12.89 -5.40 -17.84
C ILE C 139 -12.25 -6.60 -18.52
N GLU C 140 -12.79 -6.98 -19.68
CA GLU C 140 -12.27 -8.12 -20.43
C GLU C 140 -11.00 -7.73 -21.18
N THR C 141 -9.92 -8.43 -20.88
CA THR C 141 -8.64 -8.31 -21.57
C THR C 141 -8.62 -9.13 -22.86
N LYS D 3 18.00 6.83 15.08
CA LYS D 3 16.55 6.89 15.13
C LYS D 3 15.86 6.36 13.86
N ILE D 4 14.72 5.69 14.02
CA ILE D 4 13.90 5.27 12.89
C ILE D 4 12.48 5.77 13.12
N PRO D 5 11.66 5.87 12.06
CA PRO D 5 10.26 6.24 12.28
C PRO D 5 9.50 5.15 13.03
N VAL D 6 8.57 5.58 13.88
CA VAL D 6 7.80 4.64 14.69
C VAL D 6 6.75 3.89 13.87
N GLU D 7 6.48 4.31 12.63
CA GLU D 7 5.57 3.58 11.74
C GLU D 7 6.33 2.73 10.73
N ALA D 8 7.66 2.72 10.78
CA ALA D 8 8.45 1.90 9.88
C ALA D 8 8.29 0.42 10.21
N ASP D 9 8.58 -0.41 9.21
CA ASP D 9 8.70 -1.86 9.36
C ASP D 9 7.36 -2.54 9.57
N PHE D 10 6.28 -1.89 9.18
CA PHE D 10 4.97 -2.52 9.07
C PHE D 10 4.69 -2.90 7.63
N LEU D 11 3.95 -3.99 7.46
CA LEU D 11 3.35 -4.33 6.18
C LEU D 11 1.90 -4.70 6.42
N TYR D 12 1.01 -4.20 5.57
CA TYR D 12 -0.45 -4.43 5.67
C TYR D 12 -0.94 -5.07 4.38
N ALA D 13 -1.22 -6.37 4.41
CA ALA D 13 -1.67 -7.06 3.23
C ALA D 13 -3.19 -7.10 3.29
N TYR D 14 -3.84 -6.19 2.54
CA TYR D 14 -5.30 -6.12 2.52
C TYR D 14 -5.85 -7.04 1.44
N SER D 15 -6.95 -7.72 1.76
CA SER D 15 -7.59 -8.61 0.80
C SER D 15 -8.17 -7.88 -0.39
N THR D 16 -8.37 -6.57 -0.29
CA THR D 16 -9.08 -5.84 -1.32
C THR D 16 -8.68 -4.37 -1.27
N ALA D 17 -9.10 -3.66 -2.27
CA ALA D 17 -8.69 -2.28 -2.47
C ALA D 17 -9.50 -1.36 -1.57
N PRO D 18 -8.92 -0.21 -1.18
CA PRO D 18 -9.66 0.76 -0.36
C PRO D 18 -11.02 1.11 -0.98
N GLY D 19 -12.07 1.03 -0.16
CA GLY D 19 -13.41 1.36 -0.62
C GLY D 19 -14.25 0.21 -1.15
N TYR D 20 -13.70 -1.00 -1.28
CA TYR D 20 -14.35 -2.11 -1.97
C TYR D 20 -14.74 -3.22 -1.00
N TYR D 21 -15.82 -3.94 -1.37
CA TYR D 21 -16.16 -5.24 -0.83
C TYR D 21 -14.99 -6.21 -0.89
N SER D 22 -14.98 -7.20 -0.01
CA SER D 22 -14.04 -8.30 -0.10
C SER D 22 -14.82 -9.60 -0.19
N TRP D 23 -14.36 -10.53 -1.01
CA TRP D 23 -15.17 -11.69 -1.35
C TRP D 23 -14.68 -12.94 -0.61
N ARG D 24 -15.64 -13.74 -0.18
CA ARG D 24 -15.43 -14.98 0.54
C ARG D 24 -16.40 -16.01 0.00
N ASN D 25 -15.95 -17.26 -0.09
CA ASN D 25 -16.76 -18.38 -0.54
C ASN D 25 -17.10 -19.29 0.64
N SER D 26 -18.39 -19.62 0.79
CA SER D 26 -18.87 -20.32 2.00
C SER D 26 -18.26 -21.70 2.17
N LYS D 27 -17.78 -22.32 1.10
CA LYS D 27 -17.12 -23.62 1.18
C LYS D 27 -15.60 -23.55 1.16
N ASP D 28 -15.00 -22.72 0.32
CA ASP D 28 -13.54 -22.73 0.18
C ASP D 28 -12.84 -21.70 1.06
N GLY D 29 -13.54 -20.69 1.55
CA GLY D 29 -12.91 -19.59 2.26
C GLY D 29 -12.80 -18.34 1.39
N SER D 30 -12.18 -17.33 1.97
CA SER D 30 -12.00 -16.07 1.25
C SER D 30 -11.01 -16.27 0.13
N TRP D 31 -11.29 -15.61 -1.00
CA TRP D 31 -10.38 -15.64 -2.14
C TRP D 31 -8.96 -15.29 -1.71
N PHE D 32 -8.83 -14.24 -0.89
CA PHE D 32 -7.51 -13.75 -0.50
C PHE D 32 -6.76 -14.80 0.30
N ILE D 33 -7.37 -15.35 1.34
CA ILE D 33 -6.67 -16.29 2.21
C ILE D 33 -6.34 -17.60 1.46
N GLN D 34 -7.26 -18.08 0.61
CA GLN D 34 -6.92 -19.27 -0.18
C GLN D 34 -5.65 -19.01 -0.96
N SER D 35 -5.60 -17.84 -1.61
CA SER D 35 -4.47 -17.56 -2.48
C SER D 35 -3.22 -17.25 -1.69
N LEU D 36 -3.34 -16.53 -0.58
CA LEU D 36 -2.18 -16.30 0.29
C LEU D 36 -1.55 -17.62 0.74
N CYS D 37 -2.36 -18.53 1.28
CA CYS D 37 -1.81 -19.80 1.74
C CYS D 37 -1.23 -20.61 0.58
N ALA D 38 -1.91 -20.62 -0.56
CA ALA D 38 -1.39 -21.38 -1.70
C ALA D 38 -0.03 -20.83 -2.15
N MET D 39 0.06 -19.51 -2.31
CA MET D 39 1.30 -18.90 -2.76
C MET D 39 2.41 -19.06 -1.72
N LEU D 40 2.07 -18.97 -0.43
CA LEU D 40 3.10 -19.21 0.58
C LEU D 40 3.58 -20.67 0.55
N LYS D 41 2.65 -21.62 0.43
CA LYS D 41 3.06 -23.01 0.37
C LYS D 41 4.00 -23.25 -0.80
N GLN D 42 3.72 -22.61 -1.93
CA GLN D 42 4.51 -22.91 -3.13
C GLN D 42 5.79 -22.10 -3.25
N TYR D 43 5.86 -20.89 -2.68
CA TYR D 43 6.98 -19.99 -2.94
C TYR D 43 7.68 -19.43 -1.71
N ALA D 44 7.32 -19.84 -0.49
CA ALA D 44 8.01 -19.22 0.65
C ALA D 44 9.46 -19.62 0.72
N ASP D 45 9.82 -20.73 0.10
CA ASP D 45 11.19 -21.21 0.00
C ASP D 45 11.95 -20.60 -1.17
N LYS D 46 11.32 -19.74 -1.97
CA LYS D 46 11.95 -19.32 -3.23
C LYS D 46 11.95 -17.81 -3.43
N LEU D 47 10.98 -17.09 -2.87
CA LEU D 47 10.74 -15.72 -3.28
C LEU D 47 10.72 -14.79 -2.07
N GLU D 48 11.16 -13.56 -2.30
CA GLU D 48 10.94 -12.50 -1.33
C GLU D 48 9.44 -12.34 -1.08
N PHE D 49 9.09 -11.82 0.09
CA PHE D 49 7.70 -11.84 0.50
C PHE D 49 6.82 -10.96 -0.41
N MET D 50 7.30 -9.78 -0.78
CA MET D 50 6.47 -8.91 -1.63
C MET D 50 6.21 -9.54 -2.99
N HIS D 51 7.17 -10.29 -3.52
CA HIS D 51 6.96 -10.99 -4.77
C HIS D 51 5.93 -12.11 -4.58
N ILE D 52 5.94 -12.74 -3.41
CA ILE D 52 4.88 -13.69 -3.10
C ILE D 52 3.52 -12.99 -3.12
N LEU D 53 3.42 -11.84 -2.42
CA LEU D 53 2.14 -11.14 -2.34
C LEU D 53 1.71 -10.61 -3.71
N THR D 54 2.66 -10.36 -4.62
CA THR D 54 2.31 -9.95 -5.97
C THR D 54 1.73 -11.13 -6.76
N ARG D 55 2.20 -12.34 -6.51
CA ARG D 55 1.53 -13.51 -7.08
C ARG D 55 0.14 -13.70 -6.46
N VAL D 56 0.00 -13.45 -5.16
CA VAL D 56 -1.34 -13.42 -4.57
C VAL D 56 -2.22 -12.42 -5.31
N ASN D 57 -1.69 -11.23 -5.60
CA ASN D 57 -2.46 -10.25 -6.35
C ASN D 57 -2.94 -10.84 -7.69
N ARG D 58 -2.05 -11.50 -8.42
CA ARG D 58 -2.40 -12.02 -9.74
C ARG D 58 -3.42 -13.14 -9.63
N LYS D 59 -3.23 -14.04 -8.65
CA LYS D 59 -4.13 -15.18 -8.49
C LYS D 59 -5.55 -14.72 -8.16
N VAL D 60 -5.70 -13.79 -7.21
CA VAL D 60 -7.04 -13.31 -6.89
C VAL D 60 -7.64 -12.55 -8.06
N ALA D 61 -6.82 -11.77 -8.76
CA ALA D 61 -7.32 -10.93 -9.85
C ALA D 61 -7.81 -11.77 -11.03
N THR D 62 -7.07 -12.80 -11.39
CA THR D 62 -7.31 -13.50 -12.64
C THR D 62 -8.16 -14.75 -12.49
N GLU D 63 -8.15 -15.38 -11.31
CA GLU D 63 -8.72 -16.70 -11.16
C GLU D 63 -10.08 -16.73 -10.46
N PHE D 64 -10.55 -15.61 -9.92
CA PHE D 64 -11.83 -15.56 -9.21
C PHE D 64 -12.75 -14.56 -9.88
N GLU D 65 -14.02 -14.95 -10.04
CA GLU D 65 -15.13 -14.04 -10.29
C GLU D 65 -16.26 -14.45 -9.37
N SER D 66 -17.10 -13.49 -8.99
CA SER D 66 -18.23 -13.82 -8.12
C SER D 66 -19.33 -14.51 -8.91
N PHE D 67 -19.99 -15.46 -8.27
CA PHE D 67 -21.18 -16.10 -8.80
C PHE D 67 -22.30 -15.86 -7.81
N SER D 68 -23.38 -15.22 -8.26
CA SER D 68 -24.45 -14.79 -7.36
C SER D 68 -25.78 -14.89 -8.06
N PHE D 69 -26.78 -15.42 -7.36
CA PHE D 69 -28.13 -15.42 -7.91
C PHE D 69 -28.68 -14.01 -8.01
N ASP D 70 -28.12 -13.10 -7.23
CA ASP D 70 -28.37 -11.67 -7.29
C ASP D 70 -27.47 -11.05 -8.35
N ALA D 71 -28.06 -10.58 -9.45
CA ALA D 71 -27.28 -10.02 -10.54
C ALA D 71 -26.43 -8.82 -10.09
N THR D 72 -26.91 -8.04 -9.12
CA THR D 72 -26.13 -6.93 -8.60
C THR D 72 -24.75 -7.38 -8.11
N PHE D 73 -24.65 -8.62 -7.62
CA PHE D 73 -23.45 -9.12 -6.97
C PHE D 73 -22.70 -10.12 -7.82
N HIS D 74 -23.09 -10.28 -9.09
CA HIS D 74 -22.64 -11.40 -9.90
C HIS D 74 -21.56 -10.97 -10.88
N ALA D 75 -20.57 -11.85 -11.06
CA ALA D 75 -19.45 -11.62 -12.00
C ALA D 75 -18.58 -10.43 -11.61
N LYS D 76 -18.33 -10.25 -10.31
CA LYS D 76 -17.47 -9.19 -9.79
C LYS D 76 -16.05 -9.68 -9.54
N LYS D 77 -15.12 -8.75 -9.52
CA LYS D 77 -13.70 -9.07 -9.40
C LYS D 77 -13.14 -8.45 -8.13
N GLN D 78 -11.88 -8.77 -7.85
CA GLN D 78 -11.20 -8.32 -6.64
C GLN D 78 -9.71 -8.28 -6.90
N ILE D 79 -9.06 -7.19 -6.47
CA ILE D 79 -7.61 -7.09 -6.44
C ILE D 79 -7.20 -6.77 -5.01
N PRO D 80 -6.25 -7.52 -4.41
CA PRO D 80 -5.82 -7.16 -3.05
C PRO D 80 -4.97 -5.91 -3.07
N CYS D 81 -4.43 -5.51 -1.93
CA CYS D 81 -3.77 -4.20 -1.85
C CYS D 81 -2.64 -4.31 -0.82
N ILE D 82 -1.42 -4.42 -1.31
CA ILE D 82 -0.24 -4.57 -0.46
C ILE D 82 0.21 -3.19 -0.02
N VAL D 83 0.24 -2.96 1.30
CA VAL D 83 0.68 -1.68 1.86
C VAL D 83 1.91 -1.92 2.70
N SER D 84 3.06 -1.43 2.24
CA SER D 84 4.35 -1.76 2.85
C SER D 84 5.06 -0.51 3.36
N MET D 85 5.31 -0.47 4.67
CA MET D 85 6.27 0.47 5.23
C MET D 85 7.55 -0.25 5.67
N LEU D 86 7.85 -1.39 5.04
CA LEU D 86 9.00 -2.19 5.40
C LEU D 86 10.27 -1.53 4.89
N THR D 87 11.37 -1.74 5.60
CA THR D 87 12.63 -1.13 5.21
C THR D 87 13.61 -2.12 4.60
N LYS D 88 13.30 -3.42 4.57
CA LYS D 88 14.21 -4.41 4.01
C LYS D 88 13.39 -5.53 3.41
N GLU D 89 14.08 -6.47 2.76
CA GLU D 89 13.46 -7.60 2.11
C GLU D 89 13.20 -8.73 3.11
N LEU D 90 12.10 -9.45 2.88
CA LEU D 90 11.57 -10.41 3.85
C LEU D 90 11.58 -11.80 3.24
N TYR D 91 12.54 -12.63 3.67
CA TYR D 91 12.67 -14.00 3.21
C TYR D 91 12.36 -14.94 4.36
N PHE D 92 11.45 -15.89 4.13
CA PHE D 92 11.13 -16.85 5.17
C PHE D 92 12.12 -18.01 5.22
N TYR D 93 13.11 -18.04 4.33
CA TYR D 93 14.14 -19.08 4.37
C TYR D 93 15.50 -18.54 4.80
N VAL E 2 16.64 24.50 4.97
CA VAL E 2 15.64 24.34 6.02
C VAL E 2 14.63 23.23 5.64
N ASP E 3 14.31 22.33 6.56
CA ASP E 3 13.29 21.29 6.28
C ASP E 3 11.87 21.83 6.56
N VAL E 5 7.39 21.19 5.68
CA VAL E 5 6.39 20.15 5.51
C VAL E 5 5.51 20.42 4.29
N ASP E 6 5.08 19.35 3.62
CA ASP E 6 4.10 19.40 2.53
C ASP E 6 2.70 18.96 3.00
N VAL F 2 -21.46 -20.82 -1.85
CA VAL F 2 -21.81 -19.62 -2.58
C VAL F 2 -20.94 -18.42 -2.14
N ASP F 3 -20.63 -17.56 -3.13
CA ASP F 3 -19.80 -16.36 -2.99
C ASP F 3 -20.50 -15.23 -2.20
N VAL F 5 -19.99 -11.46 0.55
CA VAL F 5 -19.13 -10.30 0.82
C VAL F 5 -18.83 -10.09 2.33
N ASP F 6 -17.60 -9.65 2.62
CA ASP F 6 -17.12 -9.31 3.98
C ASP F 6 -17.02 -7.80 4.21
#